data_9GTG
#
_entry.id   9GTG
#
_cell.length_a   47.084
_cell.length_b   96.491
_cell.length_c   129.002
_cell.angle_alpha   90.00
_cell.angle_beta   90.00
_cell.angle_gamma   90.00
#
_symmetry.space_group_name_H-M   'P 21 21 21'
#
loop_
_entity.id
_entity.type
_entity.pdbx_description
1 polymer 'Receptor-interacting serine/threonine-protein kinase 1'
2 non-polymer (5R)-5-[(7-chloro-1H-indol-3-yl)methyl]-3-methylimidazolidine-2,4-dione
3 non-polymer ~{N}-[[(3~{S})-1-ethanoylpyrrolidin-3-yl]methyl]-~{N}-methyl-4-quinolin-7-yl-benzenesulfonamide
4 water water
#
_entity_poly.entity_id   1
_entity_poly.type   'polypeptide(L)'
_entity_poly.pdbx_seq_one_letter_code
;MGHHHHHHGGGENLYFQGSMQPDMSLNVIKMKSSDFLESAELDSGGFGKVSLAFHRTQGLMIMKTVYKGPNCIEHNEALL
EEAKMMNRLRHSRVVKLLGVIIEEGKYSLVMEYMEKGNLMHVLKAEMSTPLSVKGRIILEIIEGMAYLHGKGVIHKDLKP
ENILVDNDFHIKIADLGLASFKMWSKLNNEEHNELREVDGTAKKNGGTLYYMAPEHLNDVNAKPTEKSDVYSFAVVLWAI
FANKEPYENAIAEQQLIMAIKSGNRPDVDDITEYCPREIISLMKLCWEANPEARPTFPGIEEKFRPFYLSQLE
;
_entity_poly.pdbx_strand_id   A,B
#
# COMPACT_ATOMS: atom_id res chain seq x y z
N ASN A 27 16.27 -12.92 3.00
CA ASN A 27 17.10 -13.92 2.27
C ASN A 27 16.34 -14.37 1.02
N VAL A 28 17.11 -14.68 -0.04
CA VAL A 28 16.60 -14.96 -1.38
C VAL A 28 16.54 -16.47 -1.58
N ILE A 29 15.52 -16.91 -2.32
CA ILE A 29 15.53 -18.26 -2.87
C ILE A 29 16.59 -18.31 -3.97
N LYS A 30 17.70 -18.99 -3.68
CA LYS A 30 18.69 -19.35 -4.70
C LYS A 30 18.16 -20.64 -5.32
N MET A 31 18.03 -20.67 -6.65
CA MET A 31 17.29 -21.69 -7.36
C MET A 31 18.24 -22.46 -8.28
N LYS A 32 17.71 -23.46 -8.99
CA LYS A 32 18.44 -24.25 -9.98
C LYS A 32 17.53 -24.46 -11.18
N SER A 33 18.11 -24.67 -12.38
CA SER A 33 17.32 -24.84 -13.60
C SER A 33 16.75 -26.25 -13.69
N SER A 34 17.14 -27.10 -12.73
CA SER A 34 16.57 -28.43 -12.56
C SER A 34 15.27 -28.35 -11.75
N ASP A 35 14.88 -27.15 -11.29
CA ASP A 35 13.58 -26.93 -10.69
C ASP A 35 12.56 -26.50 -11.75
N PHE A 36 12.97 -26.43 -13.01
CA PHE A 36 12.14 -25.84 -14.05
C PHE A 36 12.00 -26.83 -15.18
N LEU A 37 10.76 -27.06 -15.63
CA LEU A 37 10.46 -28.04 -16.66
C LEU A 37 11.02 -27.57 -17.99
N GLU A 38 10.56 -26.40 -18.43
CA GLU A 38 11.33 -25.50 -19.28
C GLU A 38 10.44 -24.85 -20.32
N SER A 39 11.12 -24.30 -21.34
CA SER A 39 11.02 -22.90 -21.72
C SER A 39 9.96 -22.67 -22.80
N ALA A 40 9.42 -21.46 -22.80
CA ALA A 40 8.56 -20.97 -23.87
C ALA A 40 8.88 -19.49 -24.10
N GLU A 41 10.15 -19.22 -24.48
CA GLU A 41 10.64 -17.88 -24.75
C GLU A 41 9.52 -17.02 -25.32
N LEU A 42 9.15 -15.96 -24.58
CA LEU A 42 8.11 -15.03 -25.01
C LEU A 42 8.70 -13.65 -25.28
N ASP A 43 8.06 -12.95 -26.23
CA ASP A 43 8.39 -11.57 -26.60
C ASP A 43 7.98 -10.64 -25.45
N SER A 44 8.94 -9.84 -24.97
CA SER A 44 8.83 -9.12 -23.70
C SER A 44 8.64 -7.62 -23.90
N GLY A 45 8.17 -7.21 -25.08
CA GLY A 45 7.74 -5.84 -25.33
C GLY A 45 8.87 -4.86 -25.64
N GLY A 46 10.00 -5.36 -26.14
CA GLY A 46 11.11 -4.52 -26.55
C GLY A 46 12.32 -4.62 -25.62
N PHE A 47 12.28 -5.57 -24.68
CA PHE A 47 13.34 -5.76 -23.68
C PHE A 47 14.18 -6.99 -24.02
N GLY A 48 14.10 -7.44 -25.27
CA GLY A 48 14.74 -8.68 -25.67
C GLY A 48 13.92 -9.87 -25.21
N LYS A 49 14.58 -11.04 -25.15
CA LYS A 49 13.94 -12.29 -24.80
C LYS A 49 13.89 -12.39 -23.27
N VAL A 50 12.82 -13.06 -22.82
CA VAL A 50 12.68 -13.60 -21.48
C VAL A 50 12.31 -15.08 -21.65
N SER A 51 11.65 -15.67 -20.66
CA SER A 51 11.28 -17.08 -20.72
C SER A 51 10.17 -17.37 -19.71
N LEU A 52 9.07 -17.97 -20.18
CA LEU A 52 8.01 -18.47 -19.32
C LEU A 52 8.28 -19.93 -18.99
N ALA A 53 8.81 -20.18 -17.78
CA ALA A 53 9.28 -21.50 -17.38
C ALA A 53 8.47 -22.01 -16.19
N PHE A 54 8.37 -23.34 -16.10
CA PHE A 54 7.41 -23.98 -15.21
C PHE A 54 8.16 -24.61 -14.04
N HIS A 55 8.15 -23.90 -12.90
CA HIS A 55 8.67 -24.44 -11.65
C HIS A 55 7.92 -25.72 -11.33
N ARG A 56 8.67 -26.79 -11.05
CA ARG A 56 8.09 -28.12 -10.85
C ARG A 56 7.24 -28.19 -9.58
N THR A 57 7.46 -27.28 -8.60
CA THR A 57 6.67 -27.25 -7.38
C THR A 57 5.80 -26.00 -7.26
N GLN A 58 6.19 -24.87 -7.87
CA GLN A 58 5.56 -23.59 -7.53
C GLN A 58 4.95 -22.90 -8.73
N GLY A 59 4.80 -23.63 -9.84
CA GLY A 59 4.07 -23.15 -11.00
C GLY A 59 4.89 -22.17 -11.86
N LEU A 60 4.13 -21.31 -12.56
CA LEU A 60 4.63 -20.50 -13.66
C LEU A 60 5.40 -19.30 -13.14
N MET A 61 6.44 -18.93 -13.91
CA MET A 61 7.37 -17.88 -13.52
C MET A 61 8.01 -17.38 -14.79
N ILE A 62 8.68 -16.23 -14.69
CA ILE A 62 9.37 -15.64 -15.83
C ILE A 62 10.86 -15.61 -15.51
N MET A 63 11.71 -15.79 -16.54
CA MET A 63 13.16 -15.85 -16.37
C MET A 63 13.88 -14.86 -17.29
N LYS A 64 14.67 -13.94 -16.71
CA LYS A 64 15.64 -13.17 -17.47
C LYS A 64 17.03 -13.75 -17.22
N THR A 65 17.75 -14.14 -18.29
CA THR A 65 18.93 -14.99 -18.18
C THR A 65 20.22 -14.17 -18.28
N HIS A 75 32.41 -12.28 -9.59
CA HIS A 75 31.43 -11.25 -9.12
C HIS A 75 30.17 -11.90 -8.54
N ASN A 76 30.21 -13.21 -8.27
CA ASN A 76 29.04 -13.98 -7.87
C ASN A 76 28.42 -13.44 -6.59
N GLU A 77 29.24 -12.90 -5.67
CA GLU A 77 28.71 -12.38 -4.42
C GLU A 77 28.15 -10.97 -4.58
N ALA A 78 28.65 -10.21 -5.55
CA ALA A 78 28.13 -8.87 -5.79
C ALA A 78 26.69 -8.96 -6.33
N LEU A 79 26.50 -9.82 -7.34
CA LEU A 79 25.19 -10.19 -7.86
C LEU A 79 24.23 -10.56 -6.72
N LEU A 80 24.55 -11.64 -5.98
CA LEU A 80 23.71 -12.15 -4.91
C LEU A 80 23.34 -11.05 -3.93
N GLU A 81 24.32 -10.21 -3.58
CA GLU A 81 24.12 -9.09 -2.68
C GLU A 81 22.99 -8.20 -3.19
N GLU A 82 22.98 -7.99 -4.51
CA GLU A 82 21.99 -7.14 -5.15
C GLU A 82 20.64 -7.86 -5.17
N ALA A 83 20.66 -9.11 -5.64
CA ALA A 83 19.48 -9.96 -5.67
C ALA A 83 18.76 -9.95 -4.33
N LYS A 84 19.51 -9.92 -3.22
CA LYS A 84 18.92 -9.84 -1.88
C LYS A 84 18.31 -8.47 -1.63
N MET A 85 18.93 -7.41 -2.18
CA MET A 85 18.40 -6.06 -2.03
C MET A 85 17.02 -5.93 -2.68
N MET A 86 16.84 -6.56 -3.86
CA MET A 86 15.69 -6.30 -4.71
C MET A 86 14.53 -7.21 -4.31
N ASN A 87 14.89 -8.33 -3.68
CA ASN A 87 13.97 -9.37 -3.27
C ASN A 87 13.18 -8.86 -2.07
N ARG A 88 13.74 -7.90 -1.32
CA ARG A 88 13.00 -7.19 -0.29
C ARG A 88 11.88 -6.29 -0.82
N LEU A 89 11.73 -6.17 -2.16
CA LEU A 89 10.70 -5.29 -2.73
C LEU A 89 9.37 -6.03 -2.75
N ARG A 90 8.54 -5.76 -1.74
CA ARG A 90 7.37 -6.60 -1.49
C ARG A 90 6.14 -5.70 -1.36
N HIS A 91 5.27 -5.74 -2.38
CA HIS A 91 4.08 -4.91 -2.49
C HIS A 91 3.20 -5.50 -3.59
N SER A 92 1.89 -5.30 -3.49
CA SER A 92 0.97 -5.98 -4.41
C SER A 92 1.06 -5.41 -5.83
N ARG A 93 1.54 -4.17 -5.97
CA ARG A 93 1.68 -3.46 -7.24
C ARG A 93 3.11 -3.43 -7.75
N VAL A 94 3.95 -4.36 -7.28
CA VAL A 94 5.35 -4.44 -7.71
C VAL A 94 5.68 -5.91 -8.01
N VAL A 95 6.12 -6.23 -9.23
CA VAL A 95 6.59 -7.57 -9.55
C VAL A 95 7.71 -8.00 -8.59
N LYS A 96 7.53 -9.17 -7.94
CA LYS A 96 8.48 -9.70 -6.97
C LYS A 96 9.58 -10.49 -7.67
N LEU A 97 10.83 -10.26 -7.23
CA LEU A 97 11.91 -11.20 -7.53
C LEU A 97 11.72 -12.42 -6.64
N LEU A 98 11.46 -13.58 -7.26
CA LEU A 98 11.18 -14.81 -6.53
C LEU A 98 12.51 -15.42 -6.06
N GLY A 99 13.44 -15.59 -7.02
CA GLY A 99 14.83 -15.89 -6.70
C GLY A 99 15.72 -15.88 -7.95
N VAL A 100 16.88 -16.54 -7.87
CA VAL A 100 17.95 -16.39 -8.85
C VAL A 100 18.56 -17.75 -9.20
N ILE A 101 18.93 -17.91 -10.46
CA ILE A 101 19.63 -19.07 -10.96
C ILE A 101 21.03 -18.62 -11.36
N ILE A 102 21.99 -18.74 -10.45
CA ILE A 102 23.38 -18.43 -10.75
C ILE A 102 24.15 -19.74 -10.85
N GLU A 103 24.27 -20.25 -12.08
CA GLU A 103 25.02 -21.47 -12.36
C GLU A 103 26.05 -21.12 -13.44
N GLU A 104 26.91 -22.09 -13.80
CA GLU A 104 28.06 -21.78 -14.64
C GLU A 104 27.63 -21.53 -16.08
N GLY A 105 27.65 -20.25 -16.48
CA GLY A 105 27.20 -19.83 -17.80
C GLY A 105 25.94 -18.97 -17.71
N LYS A 106 24.94 -19.50 -17.00
CA LYS A 106 23.62 -18.87 -16.90
C LYS A 106 23.47 -18.14 -15.57
N TYR A 107 23.23 -16.83 -15.67
CA TYR A 107 22.69 -16.04 -14.56
C TYR A 107 21.27 -15.62 -14.92
N SER A 108 20.29 -16.09 -14.12
CA SER A 108 18.90 -15.72 -14.34
C SER A 108 18.25 -15.14 -13.07
N LEU A 109 17.38 -14.15 -13.29
CA LEU A 109 16.47 -13.62 -12.27
C LEU A 109 15.10 -14.26 -12.51
N VAL A 110 14.36 -14.52 -11.43
CA VAL A 110 13.12 -15.28 -11.52
C VAL A 110 12.01 -14.46 -10.90
N MET A 111 10.97 -14.15 -11.69
CA MET A 111 9.96 -13.22 -11.21
C MET A 111 8.55 -13.73 -11.51
N GLU A 112 7.58 -13.17 -10.80
CA GLU A 112 6.20 -13.62 -10.92
C GLU A 112 5.65 -13.21 -12.29
N TYR A 113 4.73 -14.03 -12.79
CA TYR A 113 4.21 -13.93 -14.13
C TYR A 113 2.93 -13.10 -14.08
N MET A 114 2.66 -12.35 -15.16
CA MET A 114 1.46 -11.53 -15.26
C MET A 114 0.82 -11.82 -16.63
N GLU A 115 -0.35 -12.45 -16.60
CA GLU A 115 -0.85 -13.26 -17.72
C GLU A 115 -1.12 -12.44 -18.97
N LYS A 116 -1.56 -11.18 -18.79
CA LYS A 116 -2.11 -10.42 -19.91
C LYS A 116 -1.08 -9.53 -20.59
N GLY A 117 0.15 -9.45 -20.03
CA GLY A 117 1.26 -8.69 -20.59
C GLY A 117 1.26 -7.22 -20.16
N ASN A 118 1.87 -6.34 -20.98
CA ASN A 118 2.12 -4.98 -20.55
C ASN A 118 0.87 -4.15 -20.78
N LEU A 119 0.89 -2.93 -20.22
CA LEU A 119 -0.29 -2.09 -20.19
C LEU A 119 -0.67 -1.64 -21.61
N MET A 120 0.31 -1.43 -22.47
CA MET A 120 0.05 -0.96 -23.82
C MET A 120 -0.72 -2.02 -24.60
N HIS A 121 -0.32 -3.29 -24.44
CA HIS A 121 -0.95 -4.38 -25.18
C HIS A 121 -2.43 -4.49 -24.85
N VAL A 122 -2.77 -4.48 -23.55
CA VAL A 122 -4.14 -4.58 -23.06
C VAL A 122 -5.01 -3.40 -23.53
N LEU A 123 -4.45 -2.18 -23.60
CA LEU A 123 -5.17 -1.00 -24.07
C LEU A 123 -5.59 -1.16 -25.54
N LYS A 124 -4.66 -1.59 -26.39
CA LYS A 124 -4.92 -1.87 -27.80
C LYS A 124 -5.73 -3.15 -28.04
N ALA A 125 -6.36 -3.73 -27.00
CA ALA A 125 -7.16 -4.93 -27.11
C ALA A 125 -8.57 -4.56 -27.54
N GLU A 126 -9.25 -5.50 -28.21
CA GLU A 126 -10.46 -5.18 -28.96
C GLU A 126 -11.58 -4.76 -27.99
N MET A 127 -12.07 -5.67 -27.14
CA MET A 127 -12.96 -5.28 -26.05
C MET A 127 -12.20 -4.34 -25.12
N SER A 128 -12.43 -3.04 -25.30
CA SER A 128 -11.62 -1.99 -24.70
C SER A 128 -12.09 -1.70 -23.27
N THR A 129 -11.26 -0.98 -22.51
CA THR A 129 -11.33 -0.98 -21.04
C THR A 129 -12.02 0.29 -20.55
N PRO A 130 -13.03 0.20 -19.65
CA PRO A 130 -13.76 1.39 -19.20
C PRO A 130 -13.00 2.35 -18.30
N LEU A 131 -13.59 3.53 -18.12
CA LEU A 131 -13.02 4.66 -17.41
C LEU A 131 -12.71 4.36 -15.94
N SER A 132 -13.52 3.52 -15.29
CA SER A 132 -13.34 3.31 -13.86
C SER A 132 -12.17 2.36 -13.63
N VAL A 133 -11.93 1.48 -14.61
CA VAL A 133 -10.81 0.55 -14.57
C VAL A 133 -9.50 1.28 -14.86
N LYS A 134 -9.55 2.31 -15.70
CA LYS A 134 -8.37 3.09 -16.02
C LYS A 134 -7.98 3.88 -14.77
N GLY A 135 -8.97 4.36 -14.04
CA GLY A 135 -8.77 5.08 -12.79
C GLY A 135 -8.09 4.21 -11.74
N ARG A 136 -8.41 2.93 -11.75
CA ARG A 136 -7.85 1.99 -10.79
C ARG A 136 -6.41 1.67 -11.15
N ILE A 137 -6.16 1.42 -12.45
CA ILE A 137 -4.83 1.18 -12.95
C ILE A 137 -3.93 2.38 -12.57
N ILE A 138 -4.44 3.61 -12.74
CA ILE A 138 -3.67 4.78 -12.39
C ILE A 138 -3.36 4.76 -10.89
N LEU A 139 -4.36 4.52 -10.04
CA LEU A 139 -4.14 4.54 -8.61
C LEU A 139 -3.16 3.45 -8.18
N GLU A 140 -3.22 2.27 -8.83
CA GLU A 140 -2.32 1.19 -8.47
C GLU A 140 -0.90 1.50 -8.94
N ILE A 141 -0.78 2.19 -10.10
CA ILE A 141 0.54 2.65 -10.55
C ILE A 141 1.10 3.65 -9.53
N ILE A 142 0.27 4.56 -9.00
CA ILE A 142 0.70 5.48 -7.95
C ILE A 142 1.16 4.73 -6.70
N GLU A 143 0.38 3.74 -6.27
CA GLU A 143 0.70 3.00 -5.04
C GLU A 143 2.08 2.36 -5.23
N GLY A 144 2.23 1.53 -6.27
CA GLY A 144 3.48 0.85 -6.55
C GLY A 144 4.69 1.79 -6.61
N MET A 145 4.52 2.98 -7.21
CA MET A 145 5.64 3.90 -7.35
C MET A 145 5.98 4.52 -6.00
N ALA A 146 4.96 4.91 -5.22
CA ALA A 146 5.17 5.44 -3.88
C ALA A 146 5.97 4.47 -3.02
N TYR A 147 5.57 3.20 -3.05
CA TYR A 147 6.31 2.16 -2.36
C TYR A 147 7.79 2.12 -2.81
N LEU A 148 8.04 2.04 -4.13
CA LEU A 148 9.40 1.97 -4.64
C LEU A 148 10.24 3.13 -4.10
N HIS A 149 9.75 4.36 -4.25
CA HIS A 149 10.41 5.52 -3.69
C HIS A 149 10.65 5.32 -2.19
N GLY A 150 9.59 4.98 -1.45
CA GLY A 150 9.66 4.82 0.00
C GLY A 150 10.78 3.88 0.45
N LYS A 151 11.16 2.91 -0.41
CA LYS A 151 12.30 2.04 -0.17
C LYS A 151 13.55 2.59 -0.88
N GLY A 152 13.57 3.90 -1.15
CA GLY A 152 14.69 4.56 -1.83
C GLY A 152 15.06 3.99 -3.21
N VAL A 153 14.15 3.29 -3.90
CA VAL A 153 14.42 2.89 -5.28
C VAL A 153 13.85 3.92 -6.24
N ILE A 154 14.65 4.29 -7.25
CA ILE A 154 14.27 5.14 -8.36
C ILE A 154 14.25 4.25 -9.59
N HIS A 155 13.11 4.21 -10.27
CA HIS A 155 12.91 3.29 -11.36
C HIS A 155 13.77 3.69 -12.56
N LYS A 156 13.72 4.98 -12.87
CA LYS A 156 14.43 5.60 -13.98
C LYS A 156 13.84 5.24 -15.34
N ASP A 157 12.95 4.25 -15.47
CA ASP A 157 12.53 3.83 -16.81
C ASP A 157 11.06 3.42 -16.84
N LEU A 158 10.20 4.17 -16.14
CA LEU A 158 8.78 3.81 -16.10
C LEU A 158 8.17 4.05 -17.48
N LYS A 159 7.24 3.18 -17.85
CA LYS A 159 6.63 3.23 -19.15
C LYS A 159 5.68 2.05 -19.29
N PRO A 160 4.70 2.12 -20.24
CA PRO A 160 3.68 1.07 -20.41
C PRO A 160 4.26 -0.35 -20.45
N GLU A 161 5.44 -0.51 -21.03
CA GLU A 161 6.13 -1.80 -21.13
C GLU A 161 6.51 -2.38 -19.77
N ASN A 162 6.83 -1.53 -18.78
CA ASN A 162 7.14 -1.95 -17.42
C ASN A 162 5.88 -1.92 -16.52
N ILE A 163 4.68 -1.85 -17.09
CA ILE A 163 3.47 -1.94 -16.30
C ILE A 163 2.76 -3.20 -16.76
N LEU A 164 2.73 -4.23 -15.92
CA LEU A 164 2.20 -5.53 -16.33
C LEU A 164 0.82 -5.77 -15.72
N VAL A 165 0.03 -6.64 -16.35
CA VAL A 165 -1.39 -6.81 -16.07
C VAL A 165 -1.69 -8.31 -15.88
N ASP A 166 -2.56 -8.61 -14.92
CA ASP A 166 -3.05 -9.96 -14.67
C ASP A 166 -4.52 -10.07 -15.11
N ASN A 167 -5.11 -11.28 -14.97
CA ASN A 167 -6.42 -11.62 -15.52
C ASN A 167 -7.55 -10.74 -14.97
N ASP A 168 -7.42 -10.26 -13.73
CA ASP A 168 -8.40 -9.36 -13.13
C ASP A 168 -8.14 -7.88 -13.43
N PHE A 169 -7.20 -7.57 -14.35
CA PHE A 169 -6.87 -6.19 -14.74
C PHE A 169 -6.30 -5.36 -13.58
N HIS A 170 -5.64 -6.01 -12.61
CA HIS A 170 -4.76 -5.33 -11.67
C HIS A 170 -3.34 -5.33 -12.23
N ILE A 171 -2.55 -4.35 -11.82
CA ILE A 171 -1.26 -4.11 -12.44
C ILE A 171 -0.15 -4.19 -11.41
N LYS A 172 1.07 -4.41 -11.91
CA LYS A 172 2.28 -4.43 -11.12
C LYS A 172 3.39 -3.69 -11.86
N ILE A 173 4.20 -2.92 -11.14
CA ILE A 173 5.35 -2.32 -11.78
C ILE A 173 6.49 -3.31 -11.88
N ALA A 174 7.16 -3.34 -13.05
CA ALA A 174 8.32 -4.18 -13.27
C ALA A 174 9.50 -3.29 -13.65
N ASP A 175 10.70 -3.89 -13.77
CA ASP A 175 11.90 -3.26 -14.30
C ASP A 175 12.68 -4.24 -15.20
N LEU A 176 12.08 -4.60 -16.33
CA LEU A 176 12.54 -5.66 -17.22
C LEU A 176 13.80 -5.28 -18.01
N GLY A 177 14.20 -4.01 -18.00
CA GLY A 177 15.47 -3.62 -18.60
C GLY A 177 16.55 -3.42 -17.56
N LEU A 178 16.20 -3.65 -16.29
CA LEU A 178 17.16 -3.67 -15.18
C LEU A 178 17.75 -2.29 -14.94
N ALA A 179 16.96 -1.25 -15.26
CA ALA A 179 17.30 0.14 -15.05
C ALA A 179 17.73 0.43 -13.61
N SER A 180 17.13 -0.27 -12.61
CA SER A 180 17.32 0.06 -11.20
C SER A 180 18.51 -0.71 -10.61
N PHE A 181 19.11 -1.60 -11.43
CA PHE A 181 20.19 -2.46 -10.98
C PHE A 181 21.52 -1.83 -11.38
N LYS A 182 22.62 -2.48 -10.96
CA LYS A 182 23.97 -2.02 -11.24
C LYS A 182 24.82 -3.17 -11.77
N MET A 183 24.95 -4.24 -10.97
CA MET A 183 25.79 -5.37 -11.34
C MET A 183 25.08 -6.29 -12.33
N TRP A 184 23.77 -6.48 -12.15
CA TRP A 184 22.97 -7.29 -13.06
C TRP A 184 22.76 -6.59 -14.41
N SER A 185 22.73 -5.24 -14.42
CA SER A 185 22.63 -4.48 -15.66
C SER A 185 23.89 -4.70 -16.52
N LYS A 186 25.06 -4.43 -15.93
CA LYS A 186 26.35 -4.66 -16.59
C LYS A 186 26.31 -5.95 -17.43
N LEU A 187 25.87 -7.06 -16.82
CA LEU A 187 25.60 -8.29 -17.56
C LEU A 187 24.36 -8.11 -18.43
N GLY A 207 10.86 5.18 -29.28
CA GLY A 207 9.79 4.78 -28.34
C GLY A 207 10.28 4.76 -26.89
N THR A 208 11.55 4.30 -26.74
CA THR A 208 12.23 4.23 -25.46
C THR A 208 12.17 5.63 -24.81
N LEU A 209 12.40 6.66 -25.62
CA LEU A 209 12.69 7.99 -25.09
C LEU A 209 11.42 8.80 -24.80
N TYR A 210 10.25 8.37 -25.22
CA TYR A 210 9.04 9.19 -25.13
C TYR A 210 8.61 9.48 -23.68
N TYR A 211 9.13 8.72 -22.70
CA TYR A 211 8.72 8.79 -21.30
C TYR A 211 9.85 9.32 -20.42
N MET A 212 10.95 9.72 -21.06
CA MET A 212 12.09 10.16 -20.30
C MET A 212 12.00 11.66 -20.07
N ALA A 213 12.28 12.07 -18.83
CA ALA A 213 12.27 13.46 -18.43
C ALA A 213 13.31 14.29 -19.21
N PRO A 214 12.98 15.55 -19.56
CA PRO A 214 13.82 16.35 -20.44
C PRO A 214 15.23 16.59 -19.87
N GLU A 215 15.36 16.64 -18.53
CA GLU A 215 16.66 16.77 -17.90
C GLU A 215 17.56 15.57 -18.15
N HIS A 216 17.02 14.42 -18.64
CA HIS A 216 17.85 13.29 -19.00
C HIS A 216 18.07 13.24 -20.51
N LEU A 217 17.18 13.84 -21.29
CA LEU A 217 17.40 13.90 -22.73
C LEU A 217 18.67 14.70 -22.98
N ASN A 218 19.63 14.09 -23.68
CA ASN A 218 20.89 14.72 -24.07
C ASN A 218 21.75 15.11 -22.86
N ASP A 219 21.56 14.42 -21.73
CA ASP A 219 22.40 14.67 -20.55
C ASP A 219 22.36 13.46 -19.64
N VAL A 220 23.28 12.54 -19.92
CA VAL A 220 23.35 11.23 -19.30
C VAL A 220 24.15 11.28 -18.01
N ASN A 221 24.74 12.44 -17.67
CA ASN A 221 25.54 12.51 -16.45
C ASN A 221 24.67 12.93 -15.25
N ALA A 222 23.65 13.80 -15.47
CA ALA A 222 22.66 14.14 -14.44
C ALA A 222 22.03 12.89 -13.78
N LYS A 223 21.97 12.87 -12.44
CA LYS A 223 21.47 11.74 -11.65
C LYS A 223 19.94 11.76 -11.57
N PRO A 224 19.25 10.67 -11.98
CA PRO A 224 17.80 10.59 -11.81
C PRO A 224 17.32 10.88 -10.40
N THR A 225 16.15 11.50 -10.27
CA THR A 225 15.52 11.76 -8.98
C THR A 225 14.12 11.15 -9.01
N GLU A 226 13.42 11.24 -7.87
CA GLU A 226 12.04 10.78 -7.72
C GLU A 226 11.21 11.37 -8.85
N LYS A 227 11.47 12.66 -9.12
CA LYS A 227 10.76 13.48 -10.09
C LYS A 227 11.04 13.08 -11.55
N SER A 228 12.13 12.33 -11.80
CA SER A 228 12.30 11.70 -13.10
C SER A 228 11.14 10.72 -13.32
N ASP A 229 10.75 9.99 -12.27
CA ASP A 229 9.69 8.99 -12.36
C ASP A 229 8.33 9.68 -12.49
N VAL A 230 8.18 10.89 -11.97
CA VAL A 230 6.91 11.60 -12.09
C VAL A 230 6.65 12.00 -13.53
N TYR A 231 7.68 12.52 -14.24
CA TYR A 231 7.54 12.84 -15.66
C TYR A 231 7.07 11.62 -16.45
N SER A 232 7.69 10.46 -16.23
CA SER A 232 7.31 9.26 -16.95
C SER A 232 5.84 8.91 -16.70
N PHE A 233 5.41 9.01 -15.44
CA PHE A 233 4.02 8.83 -15.08
C PHE A 233 3.09 9.74 -15.93
N ALA A 234 3.44 11.02 -16.08
CA ALA A 234 2.57 11.93 -16.82
C ALA A 234 2.25 11.37 -18.21
N VAL A 235 3.28 10.89 -18.91
CA VAL A 235 3.13 10.43 -20.28
C VAL A 235 2.39 9.09 -20.31
N VAL A 236 2.53 8.28 -19.25
CA VAL A 236 1.77 7.05 -19.12
C VAL A 236 0.28 7.39 -19.03
N LEU A 237 -0.06 8.39 -18.21
CA LEU A 237 -1.43 8.87 -18.11
C LEU A 237 -1.94 9.19 -19.51
N TRP A 238 -1.13 9.94 -20.26
CA TRP A 238 -1.53 10.30 -21.59
C TRP A 238 -1.86 9.05 -22.38
N ALA A 239 -0.89 8.12 -22.44
CA ALA A 239 -1.05 6.90 -23.21
C ALA A 239 -2.29 6.13 -22.77
N ILE A 240 -2.62 6.16 -21.47
CA ILE A 240 -3.73 5.37 -20.96
C ILE A 240 -5.05 5.84 -21.61
N PHE A 241 -5.15 7.14 -21.94
CA PHE A 241 -6.38 7.68 -22.51
C PHE A 241 -6.32 7.78 -24.04
N ALA A 242 -5.14 7.92 -24.63
CA ALA A 242 -5.01 7.94 -26.08
C ALA A 242 -4.96 6.54 -26.67
N ASN A 243 -4.74 5.51 -25.84
CA ASN A 243 -4.64 4.13 -26.27
C ASN A 243 -3.61 3.95 -27.39
N LYS A 244 -2.50 4.71 -27.34
CA LYS A 244 -1.39 4.52 -28.26
C LYS A 244 -0.15 5.23 -27.70
N GLU A 245 0.98 5.06 -28.40
CA GLU A 245 2.22 5.79 -28.15
C GLU A 245 2.08 7.25 -28.58
N PRO A 246 2.65 8.21 -27.80
CA PRO A 246 2.65 9.63 -28.20
C PRO A 246 3.61 9.96 -29.35
N TYR A 247 3.50 11.19 -29.84
CA TYR A 247 4.39 11.73 -30.86
C TYR A 247 4.37 10.88 -32.15
N GLU A 248 3.18 10.45 -32.59
CA GLU A 248 3.04 9.71 -33.84
C GLU A 248 3.68 10.44 -35.03
N ASN A 249 3.48 11.76 -35.13
CA ASN A 249 3.91 12.61 -36.24
C ASN A 249 5.38 13.06 -36.17
N ALA A 250 6.24 12.37 -35.40
CA ALA A 250 7.58 12.88 -35.11
C ALA A 250 8.47 12.83 -36.36
N ILE A 251 9.40 13.79 -36.48
CA ILE A 251 10.30 13.88 -37.64
C ILE A 251 11.53 13.00 -37.42
N ALA A 252 12.41 13.46 -36.53
CA ALA A 252 13.63 12.75 -36.19
C ALA A 252 13.75 12.74 -34.67
N GLU A 253 14.49 11.76 -34.14
CA GLU A 253 14.75 11.68 -32.71
C GLU A 253 15.43 12.96 -32.24
N GLN A 254 16.43 13.42 -33.01
CA GLN A 254 17.16 14.64 -32.70
C GLN A 254 16.20 15.82 -32.62
N GLN A 255 15.29 15.94 -33.60
CA GLN A 255 14.38 17.06 -33.63
C GLN A 255 13.41 16.93 -32.47
N LEU A 256 12.78 15.75 -32.34
CA LEU A 256 11.82 15.49 -31.28
C LEU A 256 12.39 15.77 -29.89
N ILE A 257 13.63 15.35 -29.63
CA ILE A 257 14.30 15.56 -28.35
C ILE A 257 14.44 17.06 -28.05
N MET A 258 14.93 17.83 -29.03
CA MET A 258 15.05 19.26 -28.91
C MET A 258 13.68 19.85 -28.57
N ALA A 259 12.67 19.42 -29.33
CA ALA A 259 11.32 19.93 -29.11
C ALA A 259 10.88 19.66 -27.68
N ILE A 260 11.11 18.43 -27.15
CA ILE A 260 10.68 18.04 -25.82
C ILE A 260 11.45 18.83 -24.75
N LYS A 261 12.76 18.99 -24.96
CA LYS A 261 13.57 19.76 -24.02
C LYS A 261 13.11 21.22 -24.00
N SER A 262 12.51 21.70 -25.10
CA SER A 262 12.05 23.08 -25.18
C SER A 262 10.60 23.24 -24.72
N GLY A 263 9.82 22.16 -24.60
CA GLY A 263 8.57 22.17 -23.83
C GLY A 263 7.37 21.52 -24.54
N ASN A 264 7.58 20.92 -25.71
CA ASN A 264 6.54 20.14 -26.35
C ASN A 264 6.26 18.88 -25.53
N ARG A 265 4.97 18.52 -25.52
CA ARG A 265 4.45 17.37 -24.82
C ARG A 265 3.54 16.60 -25.78
N PRO A 266 3.04 15.40 -25.38
CA PRO A 266 2.08 14.68 -26.19
C PRO A 266 0.85 15.57 -26.38
N ASP A 267 0.16 15.28 -27.48
CA ASP A 267 -0.98 16.06 -27.94
C ASP A 267 -2.23 15.64 -27.16
N VAL A 268 -2.63 16.46 -26.19
CA VAL A 268 -3.85 16.31 -25.41
C VAL A 268 -5.12 16.21 -26.29
N ASP A 269 -5.06 16.62 -27.57
CA ASP A 269 -6.19 16.50 -28.48
C ASP A 269 -6.28 15.12 -29.15
N ASP A 270 -5.25 14.27 -29.05
CA ASP A 270 -5.29 12.90 -29.57
C ASP A 270 -6.20 12.03 -28.71
N ILE A 271 -6.68 12.61 -27.61
CA ILE A 271 -7.60 11.94 -26.72
C ILE A 271 -9.01 11.99 -27.35
N THR A 272 -9.35 10.91 -28.08
CA THR A 272 -10.68 10.69 -28.67
C THR A 272 -11.66 10.12 -27.65
N GLU A 273 -11.17 9.85 -26.43
CA GLU A 273 -12.01 9.46 -25.32
C GLU A 273 -12.29 10.66 -24.43
N TYR A 274 -13.28 10.48 -23.54
CA TYR A 274 -13.41 11.34 -22.40
C TYR A 274 -12.27 11.01 -21.42
N CYS A 275 -11.42 12.02 -21.20
CA CYS A 275 -10.56 12.04 -20.05
C CYS A 275 -10.97 13.19 -19.13
N PRO A 276 -11.30 12.91 -17.84
CA PRO A 276 -11.64 13.97 -16.89
C PRO A 276 -10.58 15.08 -16.86
N ARG A 277 -11.04 16.29 -16.62
CA ARG A 277 -10.18 17.46 -16.78
C ARG A 277 -9.23 17.60 -15.57
N GLU A 278 -9.48 16.86 -14.48
CA GLU A 278 -8.61 16.91 -13.31
C GLU A 278 -7.42 15.96 -13.51
N ILE A 279 -7.57 15.02 -14.45
CA ILE A 279 -6.49 14.12 -14.83
C ILE A 279 -5.65 14.73 -15.96
N ILE A 280 -6.28 15.56 -16.82
CA ILE A 280 -5.52 16.28 -17.82
C ILE A 280 -4.70 17.35 -17.10
N SER A 281 -5.21 17.87 -15.98
CA SER A 281 -4.44 18.82 -15.18
C SER A 281 -3.25 18.14 -14.51
N LEU A 282 -3.45 16.92 -14.00
CA LEU A 282 -2.43 16.17 -13.29
C LEU A 282 -1.28 15.84 -14.24
N MET A 283 -1.61 15.37 -15.46
CA MET A 283 -0.54 15.06 -16.39
C MET A 283 0.30 16.31 -16.69
N LYS A 284 -0.34 17.45 -16.96
CA LYS A 284 0.37 18.71 -17.20
C LYS A 284 1.18 19.13 -15.98
N LEU A 285 0.64 18.93 -14.77
CA LEU A 285 1.46 19.19 -13.60
C LEU A 285 2.71 18.31 -13.68
N CYS A 286 2.50 17.01 -13.92
CA CYS A 286 3.54 16.01 -13.77
C CYS A 286 4.59 16.07 -14.87
N TRP A 287 4.28 16.65 -16.05
CA TRP A 287 5.29 16.83 -17.10
C TRP A 287 5.77 18.29 -17.24
N GLU A 288 5.72 19.05 -16.15
CA GLU A 288 6.45 20.31 -16.04
C GLU A 288 7.93 20.09 -16.35
N ALA A 289 8.49 20.94 -17.23
CA ALA A 289 9.92 21.00 -17.50
C ALA A 289 10.76 21.08 -16.22
N ASN A 290 10.42 21.98 -15.31
CA ASN A 290 11.19 22.19 -14.08
C ASN A 290 10.83 21.07 -13.10
N PRO A 291 11.81 20.18 -12.76
CA PRO A 291 11.57 19.07 -11.85
C PRO A 291 11.00 19.42 -10.47
N GLU A 292 11.24 20.66 -10.05
CA GLU A 292 10.90 21.09 -8.70
C GLU A 292 9.40 21.42 -8.66
N ALA A 293 8.83 21.73 -9.83
CA ALA A 293 7.41 22.05 -9.97
C ALA A 293 6.55 20.79 -10.16
N ARG A 294 7.14 19.59 -10.13
CA ARG A 294 6.36 18.36 -10.22
C ARG A 294 6.11 17.84 -8.80
N PRO A 295 4.96 17.21 -8.52
CA PRO A 295 4.69 16.67 -7.18
C PRO A 295 5.40 15.34 -6.93
N THR A 296 5.38 14.90 -5.67
CA THR A 296 5.85 13.57 -5.34
C THR A 296 4.69 12.60 -5.52
N PHE A 297 5.00 11.30 -5.67
CA PHE A 297 3.95 10.30 -5.80
C PHE A 297 3.00 10.30 -4.61
N PRO A 298 3.44 10.42 -3.35
CA PRO A 298 2.49 10.65 -2.24
C PRO A 298 1.65 11.92 -2.40
N GLY A 299 2.24 13.02 -2.89
CA GLY A 299 1.45 14.19 -3.25
C GLY A 299 0.35 13.89 -4.28
N ILE A 300 0.67 13.13 -5.32
CA ILE A 300 -0.28 12.77 -6.35
C ILE A 300 -1.39 11.92 -5.75
N GLU A 301 -1.02 10.93 -4.94
CA GLU A 301 -1.95 9.98 -4.35
C GLU A 301 -2.97 10.68 -3.46
N GLU A 302 -2.50 11.58 -2.58
CA GLU A 302 -3.34 12.27 -1.61
C GLU A 302 -4.46 13.00 -2.35
N LYS A 303 -4.15 13.63 -3.49
CA LYS A 303 -5.15 14.29 -4.33
C LYS A 303 -5.97 13.31 -5.19
N PHE A 304 -5.35 12.27 -5.77
CA PHE A 304 -6.01 11.44 -6.77
C PHE A 304 -6.89 10.33 -6.17
N ARG A 305 -6.58 9.86 -4.96
CA ARG A 305 -7.35 8.78 -4.38
C ARG A 305 -8.76 9.25 -4.04
N PRO A 306 -8.96 10.39 -3.32
CA PRO A 306 -10.32 10.89 -3.04
C PRO A 306 -11.05 11.23 -4.33
N PHE A 307 -10.32 11.79 -5.30
CA PHE A 307 -10.91 12.05 -6.60
C PHE A 307 -11.42 10.75 -7.23
N TYR A 308 -10.61 9.71 -7.18
CA TYR A 308 -10.97 8.44 -7.78
C TYR A 308 -12.24 7.92 -7.13
N LEU A 309 -12.21 7.71 -5.80
CA LEU A 309 -13.35 7.03 -5.18
C LEU A 309 -14.63 7.85 -5.35
N SER A 310 -14.53 9.19 -5.29
CA SER A 310 -15.73 10.02 -5.25
C SER A 310 -16.32 10.26 -6.64
N GLN A 311 -15.53 10.07 -7.73
CA GLN A 311 -15.98 10.30 -9.10
C GLN A 311 -15.89 9.07 -10.00
N LEU A 312 -15.23 7.98 -9.57
CA LEU A 312 -14.81 6.88 -10.45
C LEU A 312 -15.03 5.51 -9.81
N GLU A 313 -15.13 5.48 -8.46
CA GLU A 313 -15.65 4.36 -7.68
C GLU A 313 -14.65 3.21 -7.70
N ASN B 27 2.40 17.63 5.81
CA ASN B 27 3.15 18.37 6.85
C ASN B 27 2.21 18.89 7.93
N VAL B 28 2.61 18.68 9.19
CA VAL B 28 1.92 19.26 10.35
C VAL B 28 1.55 20.72 10.05
N ILE B 29 0.30 21.06 10.35
CA ILE B 29 -0.18 22.43 10.23
C ILE B 29 -0.63 22.87 11.62
N LYS B 30 0.19 23.70 12.26
CA LYS B 30 -0.04 24.12 13.64
C LYS B 30 -1.30 24.97 13.71
N MET B 31 -2.02 24.86 14.83
CA MET B 31 -3.43 25.26 14.85
C MET B 31 -3.77 25.96 16.16
N LYS B 32 -4.94 26.61 16.15
CA LYS B 32 -5.40 27.46 17.23
C LYS B 32 -6.84 27.12 17.58
N SER B 33 -7.16 27.17 18.87
CA SER B 33 -8.52 26.95 19.33
C SER B 33 -9.46 28.03 18.78
N SER B 34 -8.89 29.05 18.13
CA SER B 34 -9.61 30.07 17.40
C SER B 34 -9.79 29.69 15.93
N ASP B 35 -9.17 28.57 15.50
CA ASP B 35 -9.40 28.00 14.18
C ASP B 35 -10.61 27.06 14.21
N PHE B 36 -11.18 26.83 15.40
CA PHE B 36 -12.20 25.81 15.59
C PHE B 36 -13.48 26.43 16.11
N LEU B 37 -14.51 26.42 15.26
CA LEU B 37 -15.87 26.75 15.65
C LEU B 37 -16.30 25.91 16.86
N GLU B 38 -16.39 24.59 16.64
CA GLU B 38 -17.02 23.65 17.56
C GLU B 38 -17.19 24.25 18.97
N SER B 39 -15.55 22.32 20.79
CA SER B 39 -15.67 20.84 20.96
C SER B 39 -17.05 20.35 20.50
N ALA B 40 -17.13 19.02 20.27
CA ALA B 40 -18.36 18.25 20.41
C ALA B 40 -18.00 16.79 20.76
N GLU B 41 -18.15 16.46 22.05
CA GLU B 41 -17.68 15.20 22.60
C GLU B 41 -18.28 14.02 21.83
N LEU B 42 -17.40 13.06 21.52
CA LEU B 42 -17.69 11.97 20.62
C LEU B 42 -17.43 10.66 21.36
N ASP B 43 -18.13 9.60 20.95
CA ASP B 43 -17.82 8.26 21.46
C ASP B 43 -16.50 7.81 20.86
N SER B 44 -15.40 8.21 21.50
CA SER B 44 -14.10 7.65 21.18
C SER B 44 -14.18 6.13 21.29
N GLY B 45 -14.74 5.67 22.42
CA GLY B 45 -14.90 4.26 22.73
C GLY B 45 -13.88 3.77 23.75
N GLY B 46 -13.70 4.53 24.85
CA GLY B 46 -12.80 4.17 25.93
C GLY B 46 -11.39 4.75 25.77
N PHE B 47 -11.29 6.02 25.32
CA PHE B 47 -10.02 6.64 24.95
C PHE B 47 -9.97 8.11 25.39
N GLY B 48 -10.57 8.41 26.54
CA GLY B 48 -10.63 9.78 27.04
C GLY B 48 -11.40 10.70 26.09
N LYS B 49 -10.99 11.98 26.05
CA LYS B 49 -11.76 13.04 25.43
C LYS B 49 -11.34 13.26 23.97
N VAL B 50 -11.99 12.54 23.04
CA VAL B 50 -11.94 12.86 21.61
C VAL B 50 -13.26 13.53 21.26
N SER B 51 -13.22 14.39 20.24
CA SER B 51 -14.28 15.36 19.99
C SER B 51 -14.24 15.80 18.53
N LEU B 52 -15.40 15.79 17.87
CA LEU B 52 -15.48 16.24 16.49
C LEU B 52 -15.49 17.78 16.48
N ALA B 53 -14.71 18.36 15.56
CA ALA B 53 -14.49 19.80 15.53
C ALA B 53 -14.52 20.32 14.10
N PHE B 54 -15.10 21.51 13.90
CA PHE B 54 -15.14 22.15 12.60
C PHE B 54 -14.07 23.26 12.53
N HIS B 55 -12.97 22.95 11.86
CA HIS B 55 -12.01 23.95 11.44
C HIS B 55 -12.69 24.78 10.35
N ARG B 56 -12.50 26.10 10.40
CA ARG B 56 -13.24 27.01 9.55
C ARG B 56 -12.96 26.70 8.07
N THR B 57 -11.69 26.72 7.65
CA THR B 57 -11.34 26.59 6.24
C THR B 57 -11.61 25.19 5.69
N GLN B 58 -11.25 24.15 6.46
CA GLN B 58 -11.04 22.82 5.89
C GLN B 58 -11.99 21.80 6.52
N GLY B 59 -13.11 22.27 7.09
CA GLY B 59 -14.24 21.42 7.45
C GLY B 59 -14.02 20.60 8.72
N LEU B 60 -14.53 19.36 8.69
CA LEU B 60 -14.63 18.54 9.88
C LEU B 60 -13.33 17.75 10.11
N MET B 61 -13.01 17.59 11.41
CA MET B 61 -11.79 16.99 11.90
C MET B 61 -12.04 16.41 13.28
N ILE B 62 -11.25 15.40 13.68
CA ILE B 62 -11.27 14.93 15.05
C ILE B 62 -10.16 15.62 15.82
N MET B 63 -10.49 16.02 17.06
CA MET B 63 -9.53 16.53 18.02
C MET B 63 -9.48 15.54 19.19
N LYS B 64 -8.28 15.19 19.65
CA LYS B 64 -8.09 14.77 21.02
C LYS B 64 -7.26 15.83 21.75
N THR B 65 -7.80 16.35 22.85
CA THR B 65 -7.19 17.43 23.60
C THR B 65 -6.35 16.82 24.72
N HIS B 75 8.21 20.35 27.18
CA HIS B 75 8.75 19.57 26.02
C HIS B 75 8.15 20.08 24.69
N ASN B 76 7.72 21.35 24.63
CA ASN B 76 7.13 21.93 23.43
C ASN B 76 7.93 21.60 22.16
N GLU B 77 9.26 21.60 22.27
CA GLU B 77 10.13 21.23 21.17
C GLU B 77 9.86 19.80 20.76
N ALA B 78 10.07 18.87 21.69
CA ALA B 78 10.16 17.44 21.38
C ALA B 78 8.79 16.88 21.01
N LEU B 79 7.73 17.36 21.68
CA LEU B 79 6.36 16.97 21.31
C LEU B 79 6.06 17.37 19.87
N LEU B 80 6.85 18.27 19.29
CA LEU B 80 6.60 18.72 17.94
C LEU B 80 7.38 17.90 16.91
N GLU B 81 8.35 17.09 17.35
CA GLU B 81 9.13 16.25 16.45
C GLU B 81 8.57 14.83 16.44
N GLU B 82 7.96 14.39 17.54
CA GLU B 82 7.23 13.13 17.53
C GLU B 82 6.03 13.27 16.59
N ALA B 83 5.30 14.39 16.72
CA ALA B 83 4.16 14.71 15.87
C ALA B 83 4.54 14.65 14.38
N LYS B 84 5.67 15.26 14.02
CA LYS B 84 6.05 15.44 12.64
C LYS B 84 6.51 14.10 12.06
N MET B 85 7.12 13.26 12.92
CA MET B 85 7.51 11.92 12.52
C MET B 85 6.28 11.03 12.33
N MET B 86 5.22 11.25 13.12
CA MET B 86 4.02 10.43 13.07
C MET B 86 3.09 10.92 11.95
N ASN B 87 3.26 12.19 11.56
CA ASN B 87 2.67 12.78 10.37
C ASN B 87 3.30 12.18 9.10
N ARG B 88 4.43 11.50 9.21
CA ARG B 88 5.01 10.86 8.03
C ARG B 88 4.42 9.47 7.80
N LEU B 89 3.48 9.05 8.65
CA LEU B 89 2.70 7.85 8.39
C LEU B 89 1.61 8.20 7.38
N ARG B 90 1.89 7.87 6.12
CA ARG B 90 1.03 8.30 5.02
C ARG B 90 0.63 7.07 4.23
N HIS B 91 -0.59 6.60 4.48
CA HIS B 91 -1.16 5.47 3.76
C HIS B 91 -2.68 5.60 3.69
N SER B 92 -3.26 4.88 2.73
CA SER B 92 -4.67 4.95 2.43
C SER B 92 -5.49 4.41 3.60
N ARG B 93 -4.84 3.51 4.37
CA ARG B 93 -5.41 2.71 5.43
C ARG B 93 -4.85 3.13 6.78
N VAL B 94 -4.38 4.38 6.90
CA VAL B 94 -3.79 4.88 8.14
C VAL B 94 -4.36 6.27 8.36
N VAL B 95 -4.93 6.51 9.54
CA VAL B 95 -5.41 7.83 9.90
C VAL B 95 -4.23 8.80 9.98
N LYS B 96 -4.34 9.92 9.27
CA LYS B 96 -3.24 10.85 9.18
C LYS B 96 -3.43 11.93 10.22
N LEU B 97 -2.39 12.14 11.02
CA LEU B 97 -2.27 13.32 11.86
C LEU B 97 -2.16 14.56 10.97
N LEU B 98 -3.20 15.40 10.97
CA LEU B 98 -3.26 16.61 10.17
C LEU B 98 -2.47 17.73 10.86
N GLY B 99 -2.86 18.04 12.10
CA GLY B 99 -2.32 19.20 12.80
C GLY B 99 -2.12 18.94 14.29
N VAL B 100 -1.59 19.96 14.98
CA VAL B 100 -1.33 19.91 16.41
C VAL B 100 -1.66 21.28 17.00
N ILE B 101 -2.31 21.28 18.17
CA ILE B 101 -2.45 22.48 18.98
C ILE B 101 -1.36 22.46 20.05
N ILE B 102 -0.43 23.43 19.98
CA ILE B 102 0.60 23.62 21.00
C ILE B 102 0.41 25.02 21.57
N GLU B 103 -0.07 25.04 22.83
CA GLU B 103 -0.32 26.26 23.56
C GLU B 103 -0.08 25.98 25.03
N GLU B 104 -0.29 26.99 25.89
CA GLU B 104 -0.21 26.81 27.32
C GLU B 104 -1.63 26.57 27.84
N GLY B 105 -1.86 25.40 28.44
CA GLY B 105 -3.20 24.96 28.81
C GLY B 105 -3.62 23.66 28.10
N LYS B 106 -3.43 23.62 26.75
CA LYS B 106 -3.96 22.57 25.89
C LYS B 106 -2.91 22.00 24.94
N TYR B 107 -2.81 20.65 24.94
CA TYR B 107 -2.09 19.89 23.92
C TYR B 107 -3.06 18.97 23.18
N SER B 108 -3.03 19.01 21.84
CA SER B 108 -4.05 18.37 21.02
C SER B 108 -3.51 17.78 19.72
N LEU B 109 -4.12 16.68 19.30
CA LEU B 109 -3.87 16.11 17.99
C LEU B 109 -5.12 16.32 17.15
N VAL B 110 -4.92 16.63 15.87
CA VAL B 110 -6.01 16.80 14.93
C VAL B 110 -5.80 15.81 13.79
N MET B 111 -6.84 15.04 13.47
CA MET B 111 -6.75 14.03 12.42
C MET B 111 -8.02 14.00 11.57
N GLU B 112 -7.94 13.24 10.49
CA GLU B 112 -9.05 13.03 9.58
C GLU B 112 -10.22 12.38 10.32
N TYR B 113 -11.42 12.81 9.91
CA TYR B 113 -12.70 12.29 10.39
C TYR B 113 -13.13 11.09 9.56
N MET B 114 -13.46 9.97 10.23
CA MET B 114 -14.11 8.82 9.62
C MET B 114 -15.57 8.74 10.10
N GLU B 115 -16.52 8.91 9.19
CA GLU B 115 -17.90 9.26 9.55
C GLU B 115 -18.75 8.08 10.03
N LYS B 116 -18.26 6.84 9.92
CA LYS B 116 -19.06 5.72 10.41
C LYS B 116 -18.52 5.21 11.73
N GLY B 117 -17.40 5.78 12.18
CA GLY B 117 -16.88 5.46 13.50
C GLY B 117 -16.08 4.17 13.45
N ASN B 118 -15.94 3.53 14.60
CA ASN B 118 -15.10 2.35 14.65
C ASN B 118 -15.85 1.12 14.10
N LEU B 119 -15.04 0.12 13.76
CA LEU B 119 -15.47 -1.12 13.14
C LEU B 119 -16.61 -1.80 13.91
N MET B 120 -16.58 -1.74 15.24
CA MET B 120 -17.55 -2.42 16.08
C MET B 120 -18.90 -1.67 16.07
N HIS B 121 -18.91 -0.34 15.87
CA HIS B 121 -20.15 0.38 15.59
C HIS B 121 -20.73 -0.20 14.33
N VAL B 122 -19.91 -0.32 13.29
CA VAL B 122 -20.40 -0.77 12.00
C VAL B 122 -20.91 -2.22 12.09
N LEU B 123 -20.24 -3.08 12.86
CA LEU B 123 -20.62 -4.47 13.02
C LEU B 123 -21.92 -4.63 13.84
N LYS B 124 -22.14 -3.73 14.82
CA LYS B 124 -23.30 -3.84 15.70
C LYS B 124 -24.50 -3.07 15.13
N ALA B 125 -24.37 -2.46 13.95
CA ALA B 125 -25.49 -1.75 13.33
C ALA B 125 -26.44 -2.73 12.63
N GLU B 126 -27.63 -2.22 12.25
CA GLU B 126 -28.64 -3.00 11.54
C GLU B 126 -28.12 -3.41 10.16
N MET B 127 -27.74 -2.42 9.33
CA MET B 127 -27.01 -2.67 8.10
C MET B 127 -25.96 -3.74 8.38
N SER B 128 -26.41 -5.00 8.48
CA SER B 128 -25.52 -6.12 8.73
C SER B 128 -24.74 -6.37 7.44
N THR B 129 -23.42 -6.52 7.60
CA THR B 129 -22.50 -6.18 6.54
C THR B 129 -22.18 -7.45 5.75
N PRO B 130 -22.29 -7.43 4.40
CA PRO B 130 -22.06 -8.64 3.61
C PRO B 130 -20.62 -9.17 3.63
N LEU B 131 -20.46 -10.43 3.26
CA LEU B 131 -19.19 -11.13 3.37
C LEU B 131 -18.13 -10.48 2.48
N SER B 132 -18.54 -9.68 1.49
CA SER B 132 -17.59 -9.20 0.50
C SER B 132 -17.03 -7.87 0.98
N VAL B 133 -17.80 -7.18 1.85
CA VAL B 133 -17.29 -5.98 2.49
C VAL B 133 -16.29 -6.38 3.58
N LYS B 134 -16.68 -7.34 4.43
CA LYS B 134 -15.80 -7.93 5.44
C LYS B 134 -14.45 -8.37 4.87
N GLY B 135 -14.48 -9.11 3.77
CA GLY B 135 -13.30 -9.56 3.05
C GLY B 135 -12.36 -8.40 2.74
N ARG B 136 -12.95 -7.31 2.26
CA ARG B 136 -12.21 -6.14 1.86
C ARG B 136 -11.66 -5.42 3.08
N ILE B 137 -12.51 -5.24 4.10
CA ILE B 137 -12.10 -4.72 5.39
C ILE B 137 -10.86 -5.48 5.87
N ILE B 138 -10.91 -6.82 5.86
CA ILE B 138 -9.78 -7.57 6.38
C ILE B 138 -8.52 -7.21 5.59
N LEU B 139 -8.60 -7.24 4.26
CA LEU B 139 -7.43 -7.05 3.41
C LEU B 139 -6.89 -5.64 3.63
N GLU B 140 -7.79 -4.66 3.85
CA GLU B 140 -7.38 -3.29 4.12
C GLU B 140 -6.61 -3.22 5.43
N ILE B 141 -7.05 -3.97 6.44
CA ILE B 141 -6.36 -3.93 7.72
C ILE B 141 -4.98 -4.58 7.53
N ILE B 142 -4.93 -5.70 6.80
CA ILE B 142 -3.65 -6.32 6.47
C ILE B 142 -2.71 -5.30 5.81
N GLU B 143 -3.20 -4.55 4.80
CA GLU B 143 -2.39 -3.58 4.06
C GLU B 143 -1.85 -2.49 5.00
N GLY B 144 -2.71 -1.99 5.89
CA GLY B 144 -2.32 -0.93 6.80
C GLY B 144 -1.25 -1.37 7.80
N MET B 145 -1.41 -2.60 8.34
CA MET B 145 -0.48 -3.12 9.32
C MET B 145 0.86 -3.45 8.63
N ALA B 146 0.84 -3.99 7.40
CA ALA B 146 2.04 -4.14 6.60
C ALA B 146 2.80 -2.81 6.46
N TYR B 147 2.11 -1.73 6.07
CA TYR B 147 2.75 -0.42 5.98
C TYR B 147 3.39 -0.02 7.32
N LEU B 148 2.59 0.00 8.40
CA LEU B 148 3.08 0.43 9.70
C LEU B 148 4.33 -0.34 10.10
N HIS B 149 4.29 -1.67 9.98
CA HIS B 149 5.41 -2.54 10.32
C HIS B 149 6.63 -2.24 9.44
N GLY B 150 6.45 -2.14 8.13
CA GLY B 150 7.53 -1.76 7.24
C GLY B 150 8.14 -0.38 7.58
N LYS B 151 7.37 0.49 8.23
CA LYS B 151 7.91 1.77 8.63
C LYS B 151 8.48 1.68 10.06
N GLY B 152 8.58 0.45 10.59
CA GLY B 152 9.17 0.19 11.90
C GLY B 152 8.30 0.62 13.08
N VAL B 153 6.97 0.69 12.91
CA VAL B 153 6.06 1.05 14.00
C VAL B 153 5.31 -0.19 14.47
N ILE B 154 5.45 -0.53 15.75
CA ILE B 154 4.60 -1.53 16.38
C ILE B 154 3.37 -0.80 16.86
N HIS B 155 2.17 -1.30 16.52
CA HIS B 155 0.95 -0.66 16.96
C HIS B 155 0.82 -0.77 18.47
N LYS B 156 0.78 -2.02 18.99
CA LYS B 156 0.68 -2.34 20.41
C LYS B 156 -0.76 -2.26 20.95
N ASP B 157 -1.71 -1.73 20.18
CA ASP B 157 -3.05 -1.56 20.71
C ASP B 157 -4.06 -1.69 19.57
N LEU B 158 -3.87 -2.72 18.76
CA LEU B 158 -4.77 -3.01 17.66
C LEU B 158 -6.03 -3.69 18.18
N LYS B 159 -7.19 -3.25 17.68
CA LYS B 159 -8.49 -3.70 18.15
C LYS B 159 -9.59 -2.90 17.45
N PRO B 160 -10.87 -3.35 17.49
CA PRO B 160 -11.91 -2.75 16.66
C PRO B 160 -12.10 -1.25 16.81
N GLU B 161 -11.81 -0.71 17.97
CA GLU B 161 -11.97 0.72 18.23
C GLU B 161 -10.86 1.59 17.63
N ASN B 162 -9.77 0.98 17.17
CA ASN B 162 -8.71 1.72 16.48
C ASN B 162 -8.79 1.46 14.98
N ILE B 163 -9.90 0.84 14.52
CA ILE B 163 -10.20 0.61 13.12
C ILE B 163 -11.43 1.44 12.76
N LEU B 164 -11.24 2.47 11.92
CA LEU B 164 -12.29 3.45 11.68
C LEU B 164 -12.75 3.28 10.24
N VAL B 165 -14.03 3.63 9.97
CA VAL B 165 -14.70 3.30 8.73
C VAL B 165 -15.24 4.57 8.08
N ASP B 166 -15.00 4.73 6.76
CA ASP B 166 -15.56 5.85 6.01
C ASP B 166 -16.91 5.44 5.42
N ASN B 167 -17.61 6.41 4.86
CA ASN B 167 -18.99 6.22 4.41
C ASN B 167 -19.03 5.20 3.28
N ASP B 168 -17.91 4.98 2.57
CA ASP B 168 -17.79 3.92 1.57
C ASP B 168 -17.41 2.55 2.17
N PHE B 169 -17.33 2.43 3.50
CA PHE B 169 -16.91 1.21 4.18
C PHE B 169 -15.44 0.86 3.90
N HIS B 170 -14.59 1.87 3.68
CA HIS B 170 -13.16 1.67 3.70
C HIS B 170 -12.64 2.07 5.07
N ILE B 171 -11.51 1.47 5.45
CA ILE B 171 -11.07 1.53 6.83
C ILE B 171 -9.68 2.16 6.93
N LYS B 172 -9.40 2.79 8.08
CA LYS B 172 -8.08 3.28 8.42
C LYS B 172 -7.73 2.85 9.83
N ILE B 173 -6.45 2.48 10.05
CA ILE B 173 -6.01 2.20 11.39
C ILE B 173 -5.61 3.50 12.07
N ALA B 174 -5.92 3.54 13.35
CA ALA B 174 -5.75 4.70 14.20
C ALA B 174 -5.08 4.19 15.44
N ASP B 175 -4.54 5.12 16.25
CA ASP B 175 -3.97 4.78 17.54
C ASP B 175 -4.45 5.81 18.55
N LEU B 176 -5.70 5.68 18.98
CA LEU B 176 -6.35 6.70 19.76
C LEU B 176 -5.88 6.69 21.24
N GLY B 177 -5.27 5.60 21.73
CA GLY B 177 -4.69 5.56 23.06
C GLY B 177 -3.25 6.11 23.13
N LEU B 178 -2.64 6.37 21.97
CA LEU B 178 -1.28 6.87 21.82
C LEU B 178 -0.22 5.83 22.25
N ALA B 179 -0.56 4.53 22.25
CA ALA B 179 0.42 3.48 22.51
C ALA B 179 1.74 3.67 21.73
N SER B 180 1.68 4.17 20.50
CA SER B 180 2.85 4.27 19.62
C SER B 180 3.69 5.52 19.90
N PHE B 181 3.26 6.36 20.85
CA PHE B 181 4.00 7.55 21.25
C PHE B 181 4.74 7.28 22.56
N LYS B 182 5.75 8.11 22.86
CA LYS B 182 6.27 8.27 24.21
C LYS B 182 5.98 9.67 24.72
N MET B 183 6.31 10.69 23.93
CA MET B 183 6.27 12.06 24.42
C MET B 183 4.82 12.39 24.80
N TRP B 184 3.88 12.28 23.85
CA TRP B 184 2.50 12.71 24.09
C TRP B 184 1.77 11.81 25.08
N SER B 185 2.19 10.55 25.17
CA SER B 185 1.51 9.55 25.98
C SER B 185 1.79 9.72 27.47
N LYS B 186 2.64 10.68 27.85
CA LYS B 186 2.57 11.25 29.19
C LYS B 186 1.77 12.54 29.10
N LEU B 187 0.84 12.71 30.07
CA LEU B 187 -0.28 13.62 29.96
C LEU B 187 -1.57 12.81 30.14
N GLY B 207 -11.09 -4.70 28.25
CA GLY B 207 -11.27 -3.72 27.16
C GLY B 207 -10.21 -3.90 26.08
N THR B 208 -8.94 -3.77 26.48
CA THR B 208 -7.83 -4.06 25.60
C THR B 208 -7.23 -5.44 25.93
N LEU B 209 -7.59 -6.05 27.07
CA LEU B 209 -7.14 -7.40 27.39
C LEU B 209 -7.52 -8.38 26.29
N TYR B 210 -8.71 -8.21 25.68
CA TYR B 210 -9.25 -9.19 24.76
C TYR B 210 -8.35 -9.42 23.54
N TYR B 211 -7.48 -8.45 23.21
CA TYR B 211 -6.75 -8.39 21.95
C TYR B 211 -5.23 -8.41 22.14
N MET B 212 -4.78 -8.48 23.42
CA MET B 212 -3.39 -8.53 23.80
C MET B 212 -2.90 -9.97 23.76
N ALA B 213 -1.77 -10.15 23.09
CA ALA B 213 -1.11 -11.44 22.98
C ALA B 213 -0.88 -12.02 24.36
N PRO B 214 -1.05 -13.34 24.55
CA PRO B 214 -0.84 -13.98 25.86
C PRO B 214 0.41 -13.46 26.55
N GLU B 215 1.51 -13.39 25.78
CA GLU B 215 2.84 -13.14 26.33
C GLU B 215 2.95 -11.80 27.07
N HIS B 216 2.03 -10.85 26.82
CA HIS B 216 2.07 -9.53 27.47
C HIS B 216 1.14 -9.44 28.67
N LEU B 217 0.23 -10.41 28.85
CA LEU B 217 -0.70 -10.41 29.98
C LEU B 217 0.07 -10.73 31.26
N ASN B 218 -0.12 -9.92 32.31
CA ASN B 218 0.53 -10.15 33.59
C ASN B 218 2.05 -10.08 33.44
N ASP B 219 2.54 -9.05 32.74
CA ASP B 219 3.94 -8.95 32.38
C ASP B 219 4.17 -7.62 31.67
N VAL B 220 4.32 -6.54 32.45
CA VAL B 220 4.28 -5.18 31.91
C VAL B 220 5.66 -4.75 31.40
N ASN B 221 6.69 -5.56 31.61
CA ASN B 221 8.03 -5.29 31.09
C ASN B 221 8.22 -5.96 29.73
N ALA B 222 7.27 -6.80 29.31
CA ALA B 222 7.37 -7.50 28.03
C ALA B 222 7.47 -6.48 26.89
N LYS B 223 8.25 -6.84 25.86
CA LYS B 223 8.48 -5.93 24.75
C LYS B 223 7.55 -6.31 23.60
N PRO B 224 6.60 -5.42 23.22
CA PRO B 224 5.69 -5.70 22.11
C PRO B 224 6.48 -5.79 20.81
N THR B 225 6.26 -6.87 20.07
CA THR B 225 6.87 -7.04 18.77
C THR B 225 5.79 -6.99 17.67
N GLU B 226 6.19 -7.36 16.46
CA GLU B 226 5.29 -7.37 15.32
C GLU B 226 4.29 -8.52 15.47
N LYS B 227 4.71 -9.56 16.18
CA LYS B 227 3.91 -10.75 16.37
C LYS B 227 2.82 -10.53 17.43
N SER B 228 3.00 -9.50 18.26
CA SER B 228 2.00 -9.10 19.22
C SER B 228 0.79 -8.49 18.52
N ASP B 229 1.07 -7.67 17.50
CA ASP B 229 0.05 -7.06 16.67
C ASP B 229 -0.65 -8.10 15.82
N VAL B 230 0.03 -9.19 15.48
CA VAL B 230 -0.60 -10.22 14.68
C VAL B 230 -1.59 -11.03 15.53
N TYR B 231 -1.33 -11.15 16.84
CA TYR B 231 -2.28 -11.80 17.73
C TYR B 231 -3.60 -11.03 17.73
N SER B 232 -3.49 -9.71 17.99
CA SER B 232 -4.57 -8.75 18.00
C SER B 232 -5.48 -8.86 16.78
N PHE B 233 -4.86 -8.99 15.61
CA PHE B 233 -5.50 -9.14 14.32
C PHE B 233 -6.36 -10.40 14.24
N ALA B 234 -5.89 -11.49 14.88
CA ALA B 234 -6.62 -12.75 14.94
C ALA B 234 -7.95 -12.57 15.68
N VAL B 235 -7.93 -11.84 16.79
CA VAL B 235 -9.14 -11.60 17.59
C VAL B 235 -10.07 -10.59 16.89
N VAL B 236 -9.50 -9.58 16.20
CA VAL B 236 -10.31 -8.71 15.35
C VAL B 236 -11.03 -9.52 14.27
N LEU B 237 -10.34 -10.51 13.68
CA LEU B 237 -10.93 -11.33 12.62
C LEU B 237 -12.16 -12.04 13.16
N TRP B 238 -11.99 -12.62 14.33
CA TRP B 238 -13.08 -13.30 14.99
C TRP B 238 -14.25 -12.33 15.22
N ALA B 239 -13.96 -11.16 15.82
CA ALA B 239 -14.94 -10.10 16.08
C ALA B 239 -15.69 -9.66 14.82
N ILE B 240 -14.99 -9.59 13.68
CA ILE B 240 -15.59 -9.23 12.41
C ILE B 240 -16.66 -10.26 11.99
N PHE B 241 -16.45 -11.56 12.27
CA PHE B 241 -17.43 -12.58 11.93
C PHE B 241 -18.48 -12.82 13.03
N ALA B 242 -18.12 -12.68 14.31
CA ALA B 242 -19.08 -12.86 15.39
C ALA B 242 -19.99 -11.65 15.56
N ASN B 243 -19.59 -10.46 15.08
CA ASN B 243 -20.30 -9.21 15.30
C ASN B 243 -20.32 -8.76 16.77
N LYS B 244 -19.27 -9.06 17.52
CA LYS B 244 -19.26 -8.69 18.93
C LYS B 244 -17.90 -9.03 19.54
N GLU B 245 -17.71 -8.53 20.77
CA GLU B 245 -16.57 -8.72 21.62
C GLU B 245 -16.49 -10.19 22.00
N PRO B 246 -15.27 -10.77 22.10
CA PRO B 246 -15.14 -12.17 22.52
C PRO B 246 -15.38 -12.28 24.02
N TYR B 247 -15.46 -13.53 24.48
CA TYR B 247 -15.30 -13.84 25.89
C TYR B 247 -16.47 -13.37 26.76
N GLU B 248 -17.69 -13.34 26.20
CA GLU B 248 -18.91 -13.04 26.96
C GLU B 248 -18.90 -13.60 28.39
N ASN B 249 -18.69 -14.93 28.51
CA ASN B 249 -18.98 -15.69 29.72
C ASN B 249 -17.94 -15.50 30.83
N ALA B 250 -16.88 -14.76 30.53
CA ALA B 250 -15.84 -14.56 31.51
C ALA B 250 -16.43 -13.75 32.67
N ILE B 251 -15.98 -14.06 33.88
CA ILE B 251 -16.57 -13.53 35.09
C ILE B 251 -15.57 -12.55 35.70
N ALA B 252 -14.31 -12.89 35.63
CA ALA B 252 -13.29 -12.14 36.37
C ALA B 252 -12.11 -11.87 35.47
N GLU B 253 -11.32 -10.86 35.85
CA GLU B 253 -10.16 -10.45 35.11
C GLU B 253 -9.04 -11.49 35.27
N GLN B 254 -8.77 -11.96 36.49
CA GLN B 254 -7.71 -12.96 36.66
C GLN B 254 -8.14 -14.24 35.95
N GLN B 255 -9.40 -14.63 36.12
CA GLN B 255 -9.90 -15.80 35.41
C GLN B 255 -9.49 -15.72 33.94
N LEU B 256 -9.74 -14.58 33.30
CA LEU B 256 -9.68 -14.43 31.85
C LEU B 256 -8.22 -14.37 31.39
N ILE B 257 -7.40 -13.63 32.13
CA ILE B 257 -5.98 -13.56 31.83
C ILE B 257 -5.38 -14.96 31.88
N MET B 258 -5.71 -15.74 32.92
CA MET B 258 -5.10 -17.04 33.14
C MET B 258 -5.53 -18.00 32.03
N ALA B 259 -6.82 -17.95 31.69
CA ALA B 259 -7.33 -18.83 30.65
C ALA B 259 -6.64 -18.55 29.32
N ILE B 260 -6.34 -17.28 29.07
CA ILE B 260 -5.75 -16.92 27.80
C ILE B 260 -4.30 -17.38 27.78
N LYS B 261 -3.57 -17.19 28.87
CA LYS B 261 -2.18 -17.63 28.95
C LYS B 261 -2.09 -19.14 28.84
N SER B 262 -3.19 -19.87 29.04
CA SER B 262 -3.18 -21.33 28.93
C SER B 262 -3.83 -21.84 27.64
N GLY B 263 -4.19 -20.97 26.68
CA GLY B 263 -4.61 -21.44 25.38
C GLY B 263 -6.10 -21.24 25.08
N ASN B 264 -6.85 -20.62 26.00
CA ASN B 264 -8.21 -20.25 25.69
C ASN B 264 -8.20 -19.15 24.62
N ARG B 265 -9.09 -19.29 23.65
CA ARG B 265 -9.27 -18.37 22.55
C ARG B 265 -10.75 -18.08 22.41
N PRO B 266 -11.14 -17.03 21.66
CA PRO B 266 -12.55 -16.82 21.39
C PRO B 266 -13.09 -18.15 20.87
N ASP B 267 -14.37 -18.42 21.17
CA ASP B 267 -15.08 -19.64 20.78
C ASP B 267 -15.45 -19.54 19.31
N VAL B 268 -14.91 -20.47 18.50
CA VAL B 268 -15.18 -20.53 17.07
C VAL B 268 -16.63 -20.94 16.77
N ASP B 269 -17.27 -21.68 17.68
CA ASP B 269 -18.64 -22.15 17.45
C ASP B 269 -19.62 -21.00 17.40
N ASP B 270 -19.32 -19.95 18.18
CA ASP B 270 -20.21 -18.86 18.50
C ASP B 270 -20.27 -17.85 17.37
N ILE B 271 -19.51 -18.13 16.32
CA ILE B 271 -19.71 -17.57 15.01
C ILE B 271 -20.94 -18.24 14.42
N THR B 272 -21.99 -17.44 14.15
CA THR B 272 -23.20 -17.98 13.55
C THR B 272 -23.27 -17.60 12.08
N GLU B 273 -22.85 -16.37 11.73
CA GLU B 273 -22.62 -16.02 10.34
C GLU B 273 -21.74 -17.10 9.69
N TYR B 274 -21.99 -17.37 8.41
CA TYR B 274 -21.01 -18.08 7.62
C TYR B 274 -19.65 -17.41 7.78
N CYS B 275 -18.64 -18.18 8.19
CA CYS B 275 -17.25 -17.75 8.10
C CYS B 275 -16.42 -18.84 7.41
N PRO B 276 -15.79 -18.54 6.24
CA PRO B 276 -15.11 -19.58 5.46
C PRO B 276 -13.94 -20.18 6.22
N ARG B 277 -13.85 -21.51 6.18
CA ARG B 277 -12.86 -22.24 6.95
C ARG B 277 -11.45 -21.69 6.70
N GLU B 278 -11.18 -21.10 5.52
CA GLU B 278 -9.84 -20.58 5.25
C GLU B 278 -9.55 -19.41 6.18
N ILE B 279 -10.56 -18.55 6.42
CA ILE B 279 -10.43 -17.49 7.41
C ILE B 279 -10.36 -18.04 8.84
N ILE B 280 -11.03 -19.17 9.15
CA ILE B 280 -10.91 -19.76 10.48
C ILE B 280 -9.51 -20.34 10.73
N SER B 281 -8.89 -20.91 9.69
CA SER B 281 -7.51 -21.40 9.77
C SER B 281 -6.55 -20.24 9.99
N LEU B 282 -6.83 -19.09 9.36
CA LEU B 282 -5.97 -17.91 9.47
C LEU B 282 -5.98 -17.35 10.90
N MET B 283 -7.17 -17.25 11.53
CA MET B 283 -7.20 -16.63 12.85
C MET B 283 -6.58 -17.59 13.87
N LYS B 284 -6.74 -18.91 13.66
CA LYS B 284 -6.09 -19.88 14.53
C LYS B 284 -4.56 -19.84 14.37
N LEU B 285 -4.08 -19.58 13.15
CA LEU B 285 -2.64 -19.44 12.89
C LEU B 285 -2.15 -18.16 13.54
N CYS B 286 -2.92 -17.07 13.41
CA CYS B 286 -2.48 -15.80 13.96
C CYS B 286 -2.59 -15.69 15.46
N TRP B 287 -3.45 -16.48 16.15
CA TRP B 287 -3.45 -16.41 17.62
C TRP B 287 -2.77 -17.60 18.30
N GLU B 288 -1.93 -18.33 17.55
CA GLU B 288 -0.98 -19.30 18.09
C GLU B 288 -0.29 -18.77 19.35
N ALA B 289 -0.21 -19.63 20.38
CA ALA B 289 0.43 -19.30 21.64
C ALA B 289 1.89 -18.88 21.44
N ASN B 290 2.64 -19.65 20.63
CA ASN B 290 4.05 -19.33 20.38
C ASN B 290 4.15 -18.20 19.34
N PRO B 291 4.71 -17.01 19.66
CA PRO B 291 4.79 -15.88 18.72
C PRO B 291 5.45 -16.16 17.36
N GLU B 292 6.43 -17.06 17.35
CA GLU B 292 7.23 -17.31 16.16
C GLU B 292 6.42 -18.12 15.17
N ALA B 293 5.38 -18.80 15.69
CA ALA B 293 4.48 -19.60 14.88
C ALA B 293 3.49 -18.73 14.13
N ARG B 294 3.40 -17.44 14.51
CA ARG B 294 2.50 -16.50 13.86
C ARG B 294 3.12 -15.99 12.58
N PRO B 295 2.35 -15.89 11.49
CA PRO B 295 2.86 -15.39 10.22
C PRO B 295 3.01 -13.90 10.42
N THR B 296 3.45 -13.21 9.38
CA THR B 296 3.68 -11.77 9.43
C THR B 296 2.61 -11.09 8.58
N PHE B 297 2.52 -9.76 8.63
CA PHE B 297 1.52 -9.08 7.84
C PHE B 297 1.82 -9.28 6.36
N PRO B 298 3.04 -9.02 5.82
CA PRO B 298 3.35 -9.36 4.42
C PRO B 298 2.94 -10.79 4.06
N GLY B 299 3.30 -11.78 4.89
CA GLY B 299 2.93 -13.17 4.61
C GLY B 299 1.43 -13.45 4.67
N ILE B 300 0.68 -12.67 5.48
CA ILE B 300 -0.77 -12.86 5.55
C ILE B 300 -1.36 -12.40 4.22
N GLU B 301 -0.91 -11.22 3.79
CA GLU B 301 -1.44 -10.58 2.60
C GLU B 301 -1.26 -11.42 1.33
N GLU B 302 -0.15 -12.17 1.25
CA GLU B 302 0.13 -13.00 0.09
C GLU B 302 -0.91 -14.11 -0.02
N LYS B 303 -1.28 -14.70 1.13
CA LYS B 303 -2.32 -15.72 1.15
C LYS B 303 -3.68 -15.05 0.97
N PHE B 304 -3.95 -13.97 1.71
CA PHE B 304 -5.32 -13.52 1.84
C PHE B 304 -5.77 -12.81 0.56
N ARG B 305 -4.87 -12.12 -0.14
CA ARG B 305 -5.26 -11.31 -1.27
C ARG B 305 -5.85 -12.18 -2.38
N PRO B 306 -5.14 -13.20 -2.89
CA PRO B 306 -5.71 -14.07 -3.92
C PRO B 306 -7.03 -14.71 -3.50
N PHE B 307 -7.07 -15.24 -2.27
CA PHE B 307 -8.30 -15.77 -1.70
C PHE B 307 -9.42 -14.74 -1.75
N TYR B 308 -9.13 -13.48 -1.38
CA TYR B 308 -10.12 -12.42 -1.40
C TYR B 308 -10.73 -12.27 -2.80
N LEU B 309 -9.93 -11.98 -3.81
CA LEU B 309 -10.53 -11.55 -5.06
C LEU B 309 -11.06 -12.75 -5.86
N SER B 310 -10.61 -13.98 -5.58
CA SER B 310 -11.31 -15.13 -6.11
C SER B 310 -12.61 -15.39 -5.34
N GLN B 311 -12.52 -15.77 -4.05
CA GLN B 311 -13.64 -16.38 -3.33
C GLN B 311 -14.64 -15.37 -2.78
N LEU B 312 -14.25 -14.09 -2.58
CA LEU B 312 -14.99 -13.19 -1.71
C LEU B 312 -15.47 -11.92 -2.42
N GLU B 313 -14.63 -11.33 -3.29
CA GLU B 313 -15.05 -10.40 -4.36
C GLU B 313 -14.03 -9.26 -4.47
#